data_2CG5
#
_entry.id   2CG5
#
_cell.length_a   69.361
_cell.length_b   69.361
_cell.length_c   184.715
_cell.angle_alpha   90.00
_cell.angle_beta   90.00
_cell.angle_gamma   120.00
#
_symmetry.space_group_name_H-M   'P 32 2 1'
#
loop_
_entity.id
_entity.type
_entity.pdbx_description
1 polymer 'L-AMINOADIPATE-SEMIALDEHYDE DEHYDROGENASE-PHOSPHOPANTETHEINYL TRANSFERASE'
2 polymer 'FATTY ACID SYNTHASE'
3 non-polymer 'COENZYME A'
4 non-polymer 'MAGNESIUM ION'
5 non-polymer 'NICKEL (II) ION'
6 non-polymer 'PHOSPHATE ION'
7 water water
#
loop_
_entity_poly.entity_id
_entity_poly.type
_entity_poly.pdbx_seq_one_letter_code
_entity_poly.pdbx_strand_id
1 'polypeptide(L)'
;MGSSHHHHHHHSSGRENLYFQGHMEGVRWAFSCGTWLPSRAEWLLAVRSIQPEEKERIGQFVFARDAKAAMAGRLMIRKL
VAEKLNIPWNHIRLQRTAKGKPVLAKDSSNPYPNFNFNISHQGDYAVLAAEPELQVGIDIMKTSFPGRGSIPEFFHIMKR
KFTNKEWETIRSFKDEWTQLDMFYRNWALKESFIKAIGVGLGFELQRLEFDLSPLNLDIGQVYKETRLFLDGEEEKEWAF
EESKIDEHHFVAVALRKPDGSRHQDVPSQDDSKPTQRQFTILNFNDLMSSAVPMTPEDPSFWDCFCFTEEIPIRNGTKS
;
A
2 'polypeptide(L)'
;GTRDRDSQRDLVEAVAHILGIRDLAAVNLDSSLADLGLDALMSVEVRQTLERELNLVLSVREVRQLTLRKLQELSSKADE
ASELACPTPKE
;
B
#
loop_
_chem_comp.id
_chem_comp.type
_chem_comp.name
_chem_comp.formula
COA non-polymer 'COENZYME A' 'C21 H36 N7 O16 P3 S'
MG non-polymer 'MAGNESIUM ION' 'Mg 2'
NI non-polymer 'NICKEL (II) ION' 'Ni 2'
PO4 non-polymer 'PHOSPHATE ION' 'O4 P -3'
#
# COMPACT_ATOMS: atom_id res chain seq x y z
N LEU A 18 30.10 14.43 -14.00
CA LEU A 18 29.17 15.18 -13.09
C LEU A 18 29.93 15.59 -11.82
N TYR A 19 30.51 16.80 -11.84
CA TYR A 19 31.31 17.27 -10.71
C TYR A 19 30.65 17.06 -9.35
N PHE A 20 29.40 17.50 -9.20
CA PHE A 20 28.72 17.43 -7.90
C PHE A 20 28.16 16.03 -7.66
N GLN A 21 29.09 15.09 -7.51
CA GLN A 21 28.81 13.65 -7.44
C GLN A 21 27.93 13.33 -6.22
N GLY A 22 28.52 13.19 -5.04
CA GLY A 22 27.77 12.88 -3.81
C GLY A 22 27.14 11.49 -3.77
N HIS A 23 27.77 10.57 -3.05
CA HIS A 23 27.26 9.18 -2.83
C HIS A 23 25.85 9.15 -2.15
N MET A 24 24.87 8.52 -2.81
CA MET A 24 23.49 8.47 -2.31
C MET A 24 23.26 7.18 -1.52
N GLU A 25 22.36 7.24 -0.54
CA GLU A 25 22.04 6.09 0.28
C GLU A 25 20.54 5.84 0.30
N GLY A 26 20.17 4.63 0.70
CA GLY A 26 18.78 4.27 0.75
C GLY A 26 17.99 5.19 1.64
N VAL A 27 16.70 5.32 1.35
CA VAL A 27 15.82 6.15 2.15
C VAL A 27 14.67 5.32 2.70
N ARG A 28 14.31 5.60 3.94
CA ARG A 28 13.25 4.90 4.63
C ARG A 28 12.50 5.94 5.42
N TRP A 29 11.35 6.33 4.91
CA TRP A 29 10.58 7.39 5.51
C TRP A 29 9.19 6.91 5.83
N ALA A 30 8.66 7.41 6.92
CA ALA A 30 7.33 7.09 7.34
C ALA A 30 6.67 8.42 7.64
N PHE A 31 5.38 8.51 7.37
CA PHE A 31 4.62 9.69 7.76
C PHE A 31 3.32 9.22 8.33
N SER A 32 3.03 9.61 9.56
CA SER A 32 1.76 9.20 10.17
C SER A 32 0.66 10.08 9.62
N CYS A 33 0.07 9.68 8.51
CA CYS A 33 -1.06 10.43 7.95
C CYS A 33 -2.34 10.21 8.75
N GLY A 34 -2.49 9.05 9.36
CA GLY A 34 -3.65 8.78 10.19
C GLY A 34 -3.84 9.70 11.39
N THR A 35 -2.79 10.45 11.74
CA THR A 35 -2.88 11.42 12.83
C THR A 35 -2.49 12.82 12.35
N TRP A 36 -2.12 12.92 11.07
CA TRP A 36 -2.03 14.20 10.38
C TRP A 36 -3.41 14.76 10.25
N LEU A 37 -3.60 15.98 10.74
CA LEU A 37 -4.90 16.64 10.71
C LEU A 37 -4.70 18.03 10.10
N PRO A 38 -4.53 18.10 8.78
CA PRO A 38 -4.21 19.36 8.12
C PRO A 38 -5.35 20.35 8.20
N SER A 39 -5.02 21.61 8.13
CA SER A 39 -6.03 22.63 8.01
C SER A 39 -6.44 22.77 6.56
N ARG A 40 -7.54 23.46 6.32
CA ARG A 40 -7.96 23.76 4.96
C ARG A 40 -6.74 24.30 4.24
N ALA A 41 -6.02 25.23 4.88
CA ALA A 41 -4.89 25.91 4.22
C ALA A 41 -3.75 24.94 3.90
N GLU A 42 -3.41 24.07 4.86
CA GLU A 42 -2.29 23.14 4.72
C GLU A 42 -2.57 22.08 3.67
N TRP A 43 -3.81 21.64 3.60
CA TRP A 43 -4.20 20.68 2.58
C TRP A 43 -4.07 21.35 1.21
N LEU A 44 -4.59 22.55 1.10
CA LEU A 44 -4.55 23.22 -0.17
C LEU A 44 -3.10 23.40 -0.56
N LEU A 45 -2.22 23.71 0.40
CA LEU A 45 -0.78 23.73 0.15
C LEU A 45 -0.34 22.41 -0.47
N ALA A 46 -0.67 21.31 0.23
CA ALA A 46 -0.36 19.97 -0.24
C ALA A 46 -0.92 19.79 -1.65
N VAL A 47 -2.24 19.89 -1.79
CA VAL A 47 -2.91 19.70 -3.07
C VAL A 47 -2.25 20.42 -4.22
N ARG A 48 -1.87 21.68 -4.04
CA ARG A 48 -1.15 22.39 -5.12
C ARG A 48 0.29 21.91 -5.35
N SER A 49 0.89 21.24 -4.39
CA SER A 49 2.25 20.75 -4.52
C SER A 49 2.40 19.44 -5.32
N ILE A 50 1.32 18.89 -5.84
CA ILE A 50 1.40 17.60 -6.52
C ILE A 50 0.90 17.77 -7.94
N GLN A 51 1.11 16.75 -8.77
CA GLN A 51 0.88 16.84 -10.22
C GLN A 51 -0.60 16.83 -10.53
N PRO A 52 -1.00 17.52 -11.61
CA PRO A 52 -2.43 17.71 -11.87
C PRO A 52 -3.25 16.42 -11.85
N GLU A 53 -2.75 15.40 -12.54
CA GLU A 53 -3.46 14.13 -12.61
C GLU A 53 -3.60 13.57 -11.20
N GLU A 54 -2.56 13.74 -10.40
CA GLU A 54 -2.52 13.21 -9.04
C GLU A 54 -3.43 13.96 -8.08
N LYS A 55 -3.56 15.25 -8.31
CA LYS A 55 -4.52 16.08 -7.58
C LYS A 55 -5.91 15.52 -7.83
N GLU A 56 -6.31 15.45 -9.09
CA GLU A 56 -7.68 15.09 -9.43
C GLU A 56 -8.05 13.75 -8.79
N ARG A 57 -7.12 12.80 -8.88
CA ARG A 57 -7.29 11.47 -8.30
C ARG A 57 -7.49 11.60 -6.81
N ILE A 58 -6.48 12.09 -6.09
CA ILE A 58 -6.61 12.26 -4.65
C ILE A 58 -7.96 12.88 -4.29
N GLY A 59 -8.38 13.87 -5.09
CA GLY A 59 -9.63 14.60 -4.87
C GLY A 59 -10.86 13.78 -5.18
N GLN A 60 -10.67 12.56 -5.66
CA GLN A 60 -11.78 11.67 -5.94
C GLN A 60 -12.08 10.73 -4.77
N PHE A 61 -11.08 10.57 -3.88
CA PHE A 61 -11.25 9.75 -2.68
C PHE A 61 -12.35 10.32 -1.84
N VAL A 62 -13.23 9.45 -1.37
CA VAL A 62 -14.35 9.87 -0.57
C VAL A 62 -13.90 10.18 0.85
N PHE A 63 -12.82 9.53 1.31
CA PHE A 63 -12.42 9.63 2.72
C PHE A 63 -11.07 10.27 2.90
N ALA A 64 -11.01 11.12 3.92
CA ALA A 64 -9.77 11.73 4.37
C ALA A 64 -8.61 10.71 4.46
N ARG A 65 -8.87 9.56 5.06
CA ARG A 65 -7.92 8.49 5.29
C ARG A 65 -7.15 8.19 4.05
N ASP A 66 -7.89 7.97 2.98
CA ASP A 66 -7.33 7.60 1.69
C ASP A 66 -6.67 8.77 0.99
N ALA A 67 -7.30 9.93 1.06
CA ALA A 67 -6.80 11.12 0.40
C ALA A 67 -5.50 11.56 1.06
N LYS A 68 -5.45 11.50 2.37
CA LYS A 68 -4.24 11.90 3.10
C LYS A 68 -3.09 10.93 2.82
N ALA A 69 -3.38 9.62 2.77
CA ALA A 69 -2.35 8.63 2.50
C ALA A 69 -1.76 8.92 1.10
N ALA A 70 -2.64 8.94 0.11
CA ALA A 70 -2.21 9.17 -1.26
C ALA A 70 -1.40 10.45 -1.32
N MET A 71 -1.87 11.46 -0.61
CA MET A 71 -1.19 12.74 -0.63
C MET A 71 0.19 12.61 0.02
N ALA A 72 0.26 11.98 1.20
CA ALA A 72 1.55 11.78 1.90
C ALA A 72 2.50 11.01 1.02
N GLY A 73 1.97 9.98 0.34
CA GLY A 73 2.75 9.21 -0.60
C GLY A 73 3.39 10.10 -1.65
N ARG A 74 2.63 11.03 -2.22
CA ARG A 74 3.11 11.79 -3.37
C ARG A 74 4.08 12.80 -2.89
N LEU A 75 3.76 13.48 -1.80
CA LEU A 75 4.66 14.45 -1.24
C LEU A 75 5.97 13.80 -0.88
N MET A 76 5.94 12.57 -0.35
CA MET A 76 7.18 11.89 0.00
C MET A 76 8.04 11.55 -1.23
N ILE A 77 7.43 11.00 -2.27
CA ILE A 77 8.21 10.73 -3.48
C ILE A 77 8.88 12.02 -3.96
N ARG A 78 8.10 13.09 -4.09
CA ARG A 78 8.67 14.34 -4.62
C ARG A 78 9.81 14.85 -3.73
N LYS A 79 9.60 14.82 -2.40
CA LYS A 79 10.64 15.15 -1.45
C LYS A 79 11.88 14.34 -1.75
N LEU A 80 11.70 13.03 -1.92
CA LEU A 80 12.83 12.12 -2.12
C LEU A 80 13.61 12.46 -3.38
N VAL A 81 12.89 12.63 -4.48
CA VAL A 81 13.53 13.03 -5.74
C VAL A 81 14.14 14.42 -5.60
N ALA A 82 13.39 15.33 -5.00
CA ALA A 82 13.86 16.71 -4.89
C ALA A 82 15.17 16.74 -4.09
N GLU A 83 15.15 16.08 -2.93
CA GLU A 83 16.31 16.04 -2.04
C GLU A 83 17.42 15.18 -2.54
N LYS A 84 17.12 13.92 -2.89
CA LYS A 84 18.17 12.98 -3.25
C LYS A 84 18.61 13.11 -4.68
N LEU A 85 17.73 13.46 -5.59
CA LEU A 85 18.14 13.65 -6.99
C LEU A 85 18.40 15.12 -7.33
N ASN A 86 18.13 16.00 -6.38
CA ASN A 86 18.37 17.44 -6.55
C ASN A 86 17.68 18.07 -7.75
N ILE A 87 16.56 17.48 -8.16
CA ILE A 87 15.75 18.06 -9.19
C ILE A 87 14.84 19.00 -8.44
N PRO A 88 14.75 20.25 -8.89
CA PRO A 88 13.82 21.16 -8.25
C PRO A 88 12.40 20.62 -8.33
N TRP A 89 11.71 20.63 -7.21
CA TRP A 89 10.41 19.97 -7.10
C TRP A 89 9.54 20.27 -8.30
N ASN A 90 9.46 21.53 -8.71
CA ASN A 90 8.59 21.90 -9.83
C ASN A 90 8.90 21.12 -11.11
N HIS A 91 10.14 20.66 -11.24
CA HIS A 91 10.58 19.93 -12.45
C HIS A 91 10.64 18.42 -12.23
N ILE A 92 10.03 17.91 -11.17
CA ILE A 92 10.00 16.46 -11.00
C ILE A 92 8.88 15.91 -11.87
N ARG A 93 9.24 15.08 -12.84
CA ARG A 93 8.25 14.49 -13.72
C ARG A 93 7.99 13.03 -13.34
N LEU A 94 7.03 12.83 -12.45
CA LEU A 94 6.66 11.48 -12.02
C LEU A 94 5.64 10.94 -12.98
N GLN A 95 5.73 9.63 -13.23
CA GLN A 95 4.88 8.95 -14.17
C GLN A 95 4.49 7.63 -13.56
N ARG A 96 3.84 6.77 -14.34
CA ARG A 96 3.45 5.48 -13.84
C ARG A 96 3.60 4.39 -14.89
N THR A 97 4.02 3.20 -14.48
CA THR A 97 4.10 2.08 -15.40
C THR A 97 2.70 1.70 -15.86
N ALA A 98 2.60 0.85 -16.88
CA ALA A 98 1.29 0.39 -17.35
C ALA A 98 0.48 -0.14 -16.17
N LYS A 99 1.15 -0.77 -15.21
CA LYS A 99 0.50 -1.42 -14.11
C LYS A 99 0.49 -0.52 -12.88
N GLY A 100 0.66 0.79 -13.07
CA GLY A 100 0.38 1.81 -12.04
C GLY A 100 1.50 2.24 -11.09
N LYS A 101 2.72 1.72 -11.28
CA LYS A 101 3.80 2.02 -10.36
C LYS A 101 4.35 3.39 -10.67
N PRO A 102 4.46 4.25 -9.67
CA PRO A 102 5.20 5.49 -9.91
C PRO A 102 6.65 5.28 -10.27
N VAL A 103 7.05 5.93 -11.34
CA VAL A 103 8.43 5.96 -11.78
C VAL A 103 8.77 7.37 -12.14
N LEU A 104 10.07 7.65 -12.11
CA LEU A 104 10.56 8.95 -12.50
C LEU A 104 10.77 8.93 -14.00
N ALA A 105 10.43 10.03 -14.65
CA ALA A 105 10.56 10.10 -16.11
C ALA A 105 11.97 9.65 -16.58
N LYS A 106 12.01 8.96 -17.71
CA LYS A 106 13.28 8.49 -18.26
C LYS A 106 14.28 9.63 -18.45
N ASP A 107 13.82 10.78 -18.98
CA ASP A 107 14.70 11.98 -19.11
C ASP A 107 15.23 12.37 -17.73
N SER A 108 16.54 12.47 -17.59
CA SER A 108 17.23 12.16 -16.32
C SER A 108 17.17 13.18 -15.14
N SER A 109 18.08 14.16 -15.15
CA SER A 109 18.63 14.77 -13.91
C SER A 109 18.81 13.65 -12.84
N ASN A 110 19.49 12.60 -13.28
CA ASN A 110 19.49 11.29 -12.62
C ASN A 110 20.62 10.41 -13.19
N PRO A 111 21.83 10.54 -12.62
CA PRO A 111 22.91 9.67 -13.02
C PRO A 111 22.88 8.40 -12.15
N TYR A 112 21.76 8.15 -11.47
CA TYR A 112 21.48 6.88 -10.82
C TYR A 112 20.46 6.18 -11.69
N PRO A 113 20.93 5.43 -12.70
CA PRO A 113 19.94 4.78 -13.55
C PRO A 113 19.07 3.77 -12.80
N ASN A 114 19.62 3.12 -11.77
CA ASN A 114 18.88 2.12 -10.99
C ASN A 114 18.05 2.70 -9.84
N PHE A 115 18.21 4.00 -9.55
CA PHE A 115 17.48 4.65 -8.48
C PHE A 115 16.00 4.43 -8.66
N ASN A 116 15.37 3.83 -7.67
CA ASN A 116 13.97 3.50 -7.74
C ASN A 116 13.38 3.67 -6.37
N PHE A 117 12.07 3.64 -6.31
CA PHE A 117 11.42 3.82 -5.04
C PHE A 117 9.99 3.27 -5.08
N ASN A 118 9.30 3.46 -3.97
CA ASN A 118 7.99 2.88 -3.85
C ASN A 118 7.44 3.33 -2.53
N ILE A 119 6.12 3.47 -2.46
CA ILE A 119 5.48 3.82 -1.22
C ILE A 119 4.39 2.80 -0.88
N SER A 120 3.98 2.81 0.37
CA SER A 120 2.83 2.08 0.77
C SER A 120 2.06 3.00 1.68
N HIS A 121 0.76 2.77 1.77
CA HIS A 121 -0.03 3.45 2.78
C HIS A 121 -1.20 2.62 3.27
N GLN A 122 -1.00 1.94 4.37
CA GLN A 122 -2.05 1.25 5.03
C GLN A 122 -1.92 1.73 6.46
N GLY A 123 -2.95 1.50 7.26
CA GLY A 123 -2.91 1.92 8.64
C GLY A 123 -2.86 3.41 8.77
N ASP A 124 -1.99 3.87 9.66
CA ASP A 124 -1.93 5.25 10.03
C ASP A 124 -0.79 5.91 9.34
N TYR A 125 -0.08 5.16 8.50
CA TYR A 125 1.17 5.64 7.95
C TYR A 125 1.22 5.51 6.45
N ALA A 126 2.02 6.36 5.84
CA ALA A 126 2.49 6.19 4.48
C ALA A 126 3.99 5.96 4.59
N VAL A 127 4.48 4.86 4.06
CA VAL A 127 5.91 4.64 4.12
C VAL A 127 6.47 4.69 2.73
N LEU A 128 7.76 5.01 2.62
CA LEU A 128 8.48 5.06 1.36
C LEU A 128 9.87 4.46 1.58
N ALA A 129 10.30 3.63 0.63
CA ALA A 129 11.68 3.23 0.50
C ALA A 129 12.19 3.72 -0.86
N ALA A 130 13.47 4.02 -0.91
CA ALA A 130 14.14 4.40 -2.13
C ALA A 130 15.53 3.86 -1.99
N GLU A 131 16.08 3.43 -3.11
CA GLU A 131 17.42 2.93 -3.13
C GLU A 131 18.06 3.40 -4.43
N PRO A 132 19.38 3.56 -4.41
CA PRO A 132 20.08 4.02 -5.59
C PRO A 132 20.34 2.93 -6.61
N GLU A 133 20.59 1.70 -6.15
CA GLU A 133 20.83 0.58 -7.05
C GLU A 133 19.74 -0.49 -6.83
N LEU A 134 19.72 -1.07 -5.64
CA LEU A 134 18.75 -2.12 -5.34
C LEU A 134 17.37 -1.70 -5.83
N GLN A 135 16.74 -2.56 -6.63
CA GLN A 135 15.37 -2.32 -7.02
C GLN A 135 14.52 -2.76 -5.85
N VAL A 136 13.50 -1.97 -5.51
CA VAL A 136 12.87 -2.05 -4.21
C VAL A 136 11.35 -2.04 -4.28
N GLY A 137 10.72 -2.70 -3.32
CA GLY A 137 9.29 -2.59 -3.11
C GLY A 137 9.01 -2.50 -1.62
N ILE A 138 7.94 -1.81 -1.25
CA ILE A 138 7.62 -1.62 0.15
C ILE A 138 6.15 -1.92 0.37
N ASP A 139 5.84 -2.40 1.58
CA ASP A 139 4.47 -2.56 2.03
C ASP A 139 4.29 -2.45 3.53
N ILE A 140 3.32 -1.63 3.94
CA ILE A 140 3.05 -1.45 5.35
C ILE A 140 1.69 -2.01 5.65
N MET A 141 1.52 -2.59 6.83
CA MET A 141 0.26 -3.18 7.20
C MET A 141 0.01 -3.04 8.71
N LYS A 142 -1.18 -2.52 9.05
CA LYS A 142 -1.55 -2.31 10.43
C LYS A 142 -2.30 -3.52 10.88
N THR A 143 -1.94 -4.01 12.06
CA THR A 143 -2.68 -5.09 12.65
C THR A 143 -3.90 -4.42 13.22
N SER A 144 -4.99 -4.62 12.52
CA SER A 144 -6.27 -4.12 12.93
C SER A 144 -7.22 -5.27 12.70
N PHE A 145 -8.23 -5.32 13.53
CA PHE A 145 -9.28 -6.29 13.39
C PHE A 145 -9.81 -6.18 11.97
N PRO A 146 -10.09 -7.33 11.34
CA PRO A 146 -10.58 -7.28 9.97
C PRO A 146 -11.95 -6.60 9.88
N GLY A 147 -12.16 -5.86 8.82
CA GLY A 147 -13.35 -5.05 8.66
C GLY A 147 -14.62 -5.83 8.60
N ARG A 148 -14.58 -7.05 8.04
CA ARG A 148 -15.78 -7.91 7.97
C ARG A 148 -15.53 -9.30 8.52
N GLY A 149 -16.50 -9.82 9.27
CA GLY A 149 -16.38 -11.12 9.87
C GLY A 149 -15.26 -11.19 10.89
N SER A 150 -15.10 -12.39 11.41
CA SER A 150 -14.14 -12.67 12.42
C SER A 150 -12.84 -12.93 11.74
N ILE A 151 -11.79 -12.99 12.55
CA ILE A 151 -10.49 -13.42 12.09
C ILE A 151 -10.61 -14.75 11.35
N PRO A 152 -11.10 -15.79 12.04
CA PRO A 152 -11.14 -17.02 11.27
C PRO A 152 -11.83 -16.87 9.94
N GLU A 153 -12.98 -16.20 9.92
CA GLU A 153 -13.68 -15.96 8.67
C GLU A 153 -12.79 -15.24 7.70
N PHE A 154 -12.17 -14.16 8.15
CA PHE A 154 -11.25 -13.39 7.32
C PHE A 154 -10.18 -14.30 6.70
N PHE A 155 -9.52 -15.11 7.52
CA PHE A 155 -8.45 -16.00 7.05
C PHE A 155 -8.98 -16.98 6.04
N HIS A 156 -10.23 -17.34 6.20
CA HIS A 156 -10.87 -18.19 5.25
C HIS A 156 -11.00 -17.50 3.92
N ILE A 157 -11.49 -16.27 3.95
CA ILE A 157 -11.65 -15.47 2.74
C ILE A 157 -10.31 -15.34 2.03
N MET A 158 -9.25 -15.42 2.81
CA MET A 158 -7.89 -15.24 2.31
C MET A 158 -7.13 -16.54 2.07
N LYS A 159 -7.78 -17.70 2.21
CA LYS A 159 -7.11 -19.00 2.07
C LYS A 159 -6.23 -19.06 0.83
N ARG A 160 -6.81 -18.76 -0.32
CA ARG A 160 -6.13 -19.01 -1.60
C ARG A 160 -4.83 -18.22 -1.77
N LYS A 161 -4.45 -17.43 -0.78
CA LYS A 161 -3.32 -16.52 -0.91
C LYS A 161 -2.09 -16.89 -0.10
N PHE A 162 -2.18 -17.90 0.77
CA PHE A 162 -0.97 -18.33 1.48
C PHE A 162 -0.85 -19.82 1.46
N THR A 163 0.38 -20.30 1.59
CA THR A 163 0.64 -21.73 1.47
C THR A 163 0.22 -22.39 2.76
N ASN A 164 0.05 -23.70 2.74
CA ASN A 164 -0.29 -24.41 3.96
C ASN A 164 0.75 -24.15 5.04
N LYS A 165 2.04 -24.21 4.68
CA LYS A 165 3.13 -23.98 5.65
C LYS A 165 3.00 -22.56 6.23
N GLU A 166 2.70 -21.60 5.37
CA GLU A 166 2.43 -20.22 5.81
C GLU A 166 1.29 -20.14 6.80
N TRP A 167 0.20 -20.85 6.51
CA TRP A 167 -0.97 -20.85 7.40
C TRP A 167 -0.69 -21.58 8.70
N GLU A 168 -0.01 -22.72 8.66
CA GLU A 168 0.42 -23.40 9.89
C GLU A 168 1.18 -22.40 10.77
N THR A 169 2.13 -21.66 10.20
CA THR A 169 2.84 -20.64 10.97
C THR A 169 1.87 -19.58 11.51
N ILE A 170 0.91 -19.17 10.69
CA ILE A 170 -0.01 -18.11 11.09
C ILE A 170 -0.89 -18.56 12.25
N ARG A 171 -1.48 -19.74 12.15
CA ARG A 171 -2.30 -20.30 13.23
C ARG A 171 -1.50 -20.99 14.33
N SER A 172 -0.17 -20.91 14.27
CA SER A 172 0.66 -21.54 15.27
C SER A 172 0.57 -20.81 16.61
N PHE A 173 -0.07 -19.63 16.62
CA PHE A 173 -0.21 -18.85 17.82
C PHE A 173 -1.62 -18.93 18.37
N LYS A 174 -1.75 -19.14 19.67
CA LYS A 174 -3.06 -19.26 20.30
C LYS A 174 -3.80 -17.90 20.31
N ASP A 175 -3.05 -16.79 20.33
CA ASP A 175 -3.68 -15.46 20.34
C ASP A 175 -4.02 -15.01 18.92
N GLU A 176 -5.31 -14.75 18.66
CA GLU A 176 -5.74 -14.35 17.33
C GLU A 176 -5.17 -12.98 16.87
N TRP A 177 -4.71 -12.15 17.79
CA TRP A 177 -4.02 -10.91 17.41
C TRP A 177 -2.64 -11.21 16.84
N THR A 178 -1.92 -12.09 17.51
CA THR A 178 -0.67 -12.55 17.00
C THR A 178 -0.94 -13.20 15.66
N GLN A 179 -1.96 -14.04 15.57
CA GLN A 179 -2.30 -14.65 14.28
C GLN A 179 -2.46 -13.60 13.21
N LEU A 180 -3.25 -12.58 13.52
CA LEU A 180 -3.43 -11.45 12.63
C LEU A 180 -2.11 -10.75 12.34
N ASP A 181 -1.31 -10.47 13.36
CA ASP A 181 0.06 -9.93 13.17
C ASP A 181 0.83 -10.73 12.13
N MET A 182 0.93 -12.04 12.34
CA MET A 182 1.64 -12.89 11.41
C MET A 182 1.01 -12.87 10.02
N PHE A 183 -0.30 -12.77 9.96
CA PHE A 183 -0.93 -12.76 8.67
C PHE A 183 -0.53 -11.50 7.95
N TYR A 184 -0.65 -10.37 8.62
CA TYR A 184 -0.35 -9.10 7.98
C TYR A 184 1.11 -8.99 7.59
N ARG A 185 1.94 -9.70 8.33
CA ARG A 185 3.37 -9.73 8.08
C ARG A 185 3.62 -10.52 6.81
N ASN A 186 3.04 -11.71 6.77
CA ASN A 186 3.19 -12.55 5.62
C ASN A 186 2.61 -11.84 4.42
N TRP A 187 1.51 -11.14 4.61
CA TRP A 187 0.93 -10.38 3.51
C TRP A 187 1.88 -9.31 3.06
N ALA A 188 2.40 -8.54 3.99
CA ALA A 188 3.24 -7.39 3.62
C ALA A 188 4.46 -7.87 2.84
N LEU A 189 5.03 -8.99 3.30
CA LEU A 189 6.16 -9.59 2.62
C LEU A 189 5.82 -9.90 1.17
N LYS A 190 4.61 -10.41 0.92
CA LYS A 190 4.17 -10.70 -0.44
C LYS A 190 3.98 -9.45 -1.29
N GLU A 191 3.34 -8.44 -0.73
CA GLU A 191 3.18 -7.18 -1.42
C GLU A 191 4.50 -6.49 -1.74
N SER A 192 5.44 -6.53 -0.81
CA SER A 192 6.70 -5.82 -1.04
C SER A 192 7.32 -6.35 -2.30
N PHE A 193 7.30 -7.66 -2.41
CA PHE A 193 7.88 -8.34 -3.54
C PHE A 193 7.10 -7.99 -4.81
N ILE A 194 5.79 -8.10 -4.71
CA ILE A 194 4.88 -7.79 -5.83
C ILE A 194 5.04 -6.39 -6.34
N LYS A 195 5.23 -5.48 -5.38
CA LYS A 195 5.44 -4.09 -5.69
C LYS A 195 6.85 -3.85 -6.17
N ALA A 196 7.80 -4.58 -5.62
CA ALA A 196 9.16 -4.53 -6.11
C ALA A 196 9.21 -4.83 -7.61
N ILE A 197 8.62 -5.97 -7.98
CA ILE A 197 8.59 -6.41 -9.39
C ILE A 197 7.54 -5.67 -10.21
N GLY A 198 6.66 -4.94 -9.53
CA GLY A 198 5.81 -3.95 -10.19
C GLY A 198 4.63 -4.55 -10.92
N VAL A 199 4.28 -5.80 -10.61
CA VAL A 199 3.32 -6.55 -11.45
C VAL A 199 1.86 -6.24 -11.17
N GLY A 200 1.49 -6.08 -9.91
CA GLY A 200 0.11 -5.72 -9.59
C GLY A 200 -0.59 -6.82 -8.83
N LEU A 201 -1.92 -6.73 -8.76
CA LEU A 201 -2.73 -7.76 -8.13
C LEU A 201 -2.70 -9.08 -8.91
N GLY A 202 -2.31 -9.03 -10.18
CA GLY A 202 -2.43 -10.20 -11.02
C GLY A 202 -1.38 -11.29 -10.86
N PHE A 203 -0.79 -11.42 -9.67
CA PHE A 203 0.29 -12.37 -9.45
C PHE A 203 -0.14 -13.42 -8.43
N GLU A 204 -0.28 -14.68 -8.81
CA GLU A 204 -0.83 -15.66 -7.87
C GLU A 204 0.01 -15.64 -6.59
N LEU A 205 -0.53 -15.06 -5.52
CA LEU A 205 0.28 -14.86 -4.33
C LEU A 205 0.68 -16.18 -3.70
N GLN A 206 -0.09 -17.22 -3.98
CA GLN A 206 0.21 -18.54 -3.47
C GLN A 206 1.55 -19.08 -4.01
N ARG A 207 2.03 -18.51 -5.12
CA ARG A 207 3.36 -18.87 -5.66
C ARG A 207 4.50 -18.57 -4.69
N LEU A 208 4.25 -17.57 -3.85
CA LEU A 208 5.22 -17.05 -2.91
C LEU A 208 5.03 -17.67 -1.55
N GLU A 209 6.08 -18.27 -1.01
CA GLU A 209 6.06 -18.72 0.36
C GLU A 209 7.21 -18.09 1.09
N PHE A 210 6.91 -17.41 2.20
CA PHE A 210 7.95 -16.83 3.04
C PHE A 210 8.21 -17.70 4.25
N ASP A 211 9.46 -17.81 4.63
CA ASP A 211 9.81 -18.40 5.91
C ASP A 211 10.04 -17.25 6.86
N LEU A 212 9.01 -16.95 7.66
CA LEU A 212 9.02 -15.79 8.55
C LEU A 212 9.97 -16.04 9.71
N SER A 213 11.04 -15.26 9.75
CA SER A 213 12.13 -15.42 10.72
C SER A 213 12.83 -14.09 11.03
N PRO A 214 12.82 -13.67 12.31
CA PRO A 214 12.25 -14.32 13.50
C PRO A 214 10.77 -14.02 13.63
N LEU A 215 10.05 -14.90 14.34
CA LEU A 215 8.60 -14.78 14.50
C LEU A 215 8.21 -13.50 15.26
N ASN A 216 8.92 -13.24 16.35
CA ASN A 216 8.63 -12.09 17.21
C ASN A 216 9.55 -10.92 16.85
N LEU A 217 8.96 -9.83 16.38
CA LEU A 217 9.74 -8.67 15.97
C LEU A 217 9.56 -7.54 16.96
N ASP A 218 10.68 -7.04 17.46
CA ASP A 218 10.69 -5.86 18.31
C ASP A 218 10.73 -4.60 17.47
N ILE A 219 10.23 -3.52 18.04
CA ILE A 219 10.17 -2.23 17.38
C ILE A 219 11.55 -1.63 17.45
N GLY A 220 11.93 -0.86 16.44
CA GLY A 220 13.20 -0.13 16.45
C GLY A 220 14.36 -0.92 15.88
N GLN A 221 14.07 -1.86 14.99
CA GLN A 221 15.04 -2.82 14.49
C GLN A 221 14.62 -3.29 13.10
N VAL A 222 15.59 -3.44 12.20
CA VAL A 222 15.32 -3.95 10.86
C VAL A 222 15.78 -5.40 10.78
N TYR A 223 14.84 -6.29 10.46
CA TYR A 223 15.14 -7.73 10.38
C TYR A 223 15.32 -8.11 8.93
N LYS A 224 16.46 -8.73 8.64
CA LYS A 224 16.83 -9.09 7.26
C LYS A 224 16.84 -10.61 7.05
N GLU A 225 16.27 -11.38 7.99
CA GLU A 225 16.44 -12.84 8.03
C GLU A 225 15.39 -13.62 7.23
N THR A 226 14.23 -13.02 6.97
CA THR A 226 13.15 -13.71 6.27
C THR A 226 13.49 -13.98 4.80
N ARG A 227 13.57 -15.26 4.41
CA ARG A 227 13.86 -15.63 3.03
C ARG A 227 12.57 -16.11 2.31
N LEU A 228 12.56 -15.92 0.99
CA LEU A 228 11.42 -16.18 0.13
C LEU A 228 11.64 -17.37 -0.73
N PHE A 229 10.58 -18.14 -0.93
CA PHE A 229 10.55 -19.19 -1.93
C PHE A 229 9.48 -18.86 -2.96
N LEU A 230 9.91 -18.65 -4.19
CA LEU A 230 9.01 -18.52 -5.34
C LEU A 230 8.88 -19.88 -5.99
N ASP A 231 7.65 -20.37 -6.09
CA ASP A 231 7.39 -21.68 -6.70
C ASP A 231 8.32 -22.78 -6.15
N GLY A 232 8.53 -22.79 -4.83
CA GLY A 232 9.32 -23.83 -4.16
C GLY A 232 10.85 -23.74 -4.29
N GLU A 233 11.34 -22.89 -5.19
CA GLU A 233 12.77 -22.60 -5.30
C GLU A 233 13.05 -21.28 -4.56
N GLU A 234 14.06 -21.27 -3.69
CA GLU A 234 14.41 -20.08 -2.95
C GLU A 234 14.80 -18.99 -3.91
N GLU A 235 14.22 -17.81 -3.72
CA GLU A 235 14.60 -16.61 -4.47
C GLU A 235 15.77 -15.97 -3.76
N LYS A 236 16.95 -16.55 -3.94
CA LYS A 236 18.15 -16.10 -3.23
C LYS A 236 18.58 -14.67 -3.64
N GLU A 237 18.16 -14.20 -4.81
CA GLU A 237 18.46 -12.81 -5.24
C GLU A 237 17.57 -11.73 -4.54
N TRP A 238 16.83 -12.11 -3.50
CA TRP A 238 15.94 -11.19 -2.83
C TRP A 238 16.17 -11.13 -1.32
N ALA A 239 16.35 -9.91 -0.83
CA ALA A 239 16.47 -9.61 0.59
C ALA A 239 15.17 -8.98 1.03
N PHE A 240 14.77 -9.22 2.26
CA PHE A 240 13.58 -8.60 2.76
C PHE A 240 13.88 -7.94 4.07
N GLU A 241 13.50 -6.67 4.18
CA GLU A 241 13.71 -5.90 5.40
C GLU A 241 12.38 -5.66 6.06
N GLU A 242 12.27 -6.18 7.27
CA GLU A 242 11.06 -6.18 8.01
C GLU A 242 11.30 -5.32 9.21
N SER A 243 10.38 -4.41 9.46
CA SER A 243 10.43 -3.64 10.68
C SER A 243 9.02 -3.36 11.07
N LYS A 244 8.89 -2.98 12.34
CA LYS A 244 7.67 -2.48 12.88
C LYS A 244 7.95 -1.02 13.12
N ILE A 245 7.31 -0.14 12.38
CA ILE A 245 7.57 1.27 12.59
C ILE A 245 6.91 1.72 13.88
N ASP A 246 5.82 1.06 14.29
CA ASP A 246 5.34 1.14 15.66
C ASP A 246 4.69 -0.18 16.03
N GLU A 247 4.16 -0.31 17.24
CA GLU A 247 3.83 -1.63 17.75
C GLU A 247 2.78 -2.27 16.87
N HIS A 248 2.12 -1.48 16.02
CA HIS A 248 1.00 -1.95 15.22
C HIS A 248 1.21 -2.04 13.72
N HIS A 249 2.25 -1.41 13.20
CA HIS A 249 2.50 -1.44 11.75
C HIS A 249 3.71 -2.24 11.43
N PHE A 250 3.56 -3.17 10.49
CA PHE A 250 4.67 -3.91 9.96
C PHE A 250 5.01 -3.32 8.61
N VAL A 251 6.29 -3.33 8.25
CA VAL A 251 6.69 -2.84 6.95
C VAL A 251 7.67 -3.83 6.39
N ALA A 252 7.46 -4.19 5.13
CA ALA A 252 8.36 -5.09 4.46
C ALA A 252 8.97 -4.26 3.36
N VAL A 253 10.29 -4.33 3.20
CA VAL A 253 10.93 -3.71 2.07
C VAL A 253 11.61 -4.84 1.33
N ALA A 254 11.22 -5.05 0.08
CA ALA A 254 11.80 -6.12 -0.72
C ALA A 254 12.88 -5.46 -1.52
N LEU A 255 14.04 -6.08 -1.56
CA LEU A 255 15.15 -5.53 -2.26
C LEU A 255 15.73 -6.60 -3.18
N ARG A 256 15.79 -6.31 -4.48
CA ARG A 256 16.52 -7.13 -5.46
C ARG A 256 17.73 -6.35 -5.93
N LYS A 257 18.83 -7.04 -6.21
CA LYS A 257 19.95 -6.44 -6.92
C LYS A 257 19.53 -6.22 -8.38
N PRO A 258 19.80 -5.03 -8.94
CA PRO A 258 19.33 -4.67 -10.29
C PRO A 258 19.72 -5.69 -11.38
N ASP A 259 20.86 -6.36 -11.17
CA ASP A 259 21.21 -7.55 -11.95
C ASP A 259 20.36 -8.72 -11.47
N GLN A 276 20.25 -1.91 9.24
CA GLN A 276 20.95 -0.68 9.65
C GLN A 276 20.02 0.56 9.67
N ARG A 277 19.39 0.92 8.52
CA ARG A 277 18.63 2.16 8.42
C ARG A 277 17.20 1.92 8.87
N GLN A 278 16.86 2.43 10.05
CA GLN A 278 15.48 2.48 10.55
C GLN A 278 14.69 3.52 9.78
N PHE A 279 13.37 3.39 9.79
CA PHE A 279 12.52 4.44 9.22
C PHE A 279 12.57 5.72 10.06
N THR A 280 12.43 6.84 9.36
CA THR A 280 12.44 8.18 9.92
C THR A 280 11.06 8.75 9.78
N ILE A 281 10.45 9.11 10.92
CA ILE A 281 9.08 9.64 10.91
C ILE A 281 9.22 11.10 10.49
N LEU A 282 8.61 11.44 9.37
CA LEU A 282 8.61 12.77 8.84
C LEU A 282 7.39 13.44 9.37
N ASN A 283 7.34 14.76 9.33
CA ASN A 283 6.10 15.49 9.61
C ASN A 283 5.74 16.34 8.40
N PHE A 284 4.67 17.11 8.52
CA PHE A 284 4.11 17.73 7.37
C PHE A 284 5.12 18.65 6.74
N ASN A 285 5.73 19.51 7.57
CA ASN A 285 6.72 20.47 7.08
C ASN A 285 7.88 19.74 6.43
N ASP A 286 8.18 18.52 6.86
CA ASP A 286 9.20 17.75 6.16
C ASP A 286 8.71 17.47 4.79
N LEU A 287 7.47 17.00 4.68
CA LEU A 287 6.93 16.64 3.41
C LEU A 287 6.97 17.84 2.51
N MET A 288 6.62 19.00 3.04
CA MET A 288 6.61 20.23 2.20
C MET A 288 7.95 20.98 2.08
N SER A 289 8.96 20.59 2.85
CA SER A 289 10.18 21.36 2.90
C SER A 289 10.73 21.82 1.53
N SER A 290 10.60 20.97 0.51
CA SER A 290 11.09 21.28 -0.85
C SER A 290 9.94 21.51 -1.85
N ALA A 291 8.72 21.69 -1.35
CA ALA A 291 7.54 21.85 -2.18
C ALA A 291 7.51 23.22 -2.86
N VAL A 292 7.07 23.21 -4.12
CA VAL A 292 6.75 24.39 -4.89
C VAL A 292 5.40 24.06 -5.48
N PRO A 293 4.51 25.03 -5.60
CA PRO A 293 3.22 24.72 -6.17
C PRO A 293 3.24 24.50 -7.66
N MET A 294 2.53 23.46 -8.09
CA MET A 294 2.56 22.93 -9.46
C MET A 294 1.34 23.28 -10.28
N THR A 295 0.17 23.15 -9.67
CA THR A 295 -1.08 23.50 -10.32
C THR A 295 -1.57 24.86 -9.79
N PRO A 296 -2.39 25.59 -10.57
CA PRO A 296 -2.80 26.92 -10.12
C PRO A 296 -3.85 26.95 -9.01
N GLU A 297 -4.20 28.16 -8.58
CA GLU A 297 -5.27 28.36 -7.60
C GLU A 297 -6.60 27.88 -8.16
N ASP A 298 -7.35 27.11 -7.39
CA ASP A 298 -8.65 26.62 -7.87
C ASP A 298 -9.60 26.21 -6.73
N PRO A 299 -10.52 27.12 -6.32
CA PRO A 299 -11.49 26.93 -5.22
C PRO A 299 -11.95 25.50 -4.94
N GLN B 8 -25.27 -11.85 2.21
CA GLN B 8 -26.16 -12.64 1.30
C GLN B 8 -27.18 -11.71 0.64
N ARG B 9 -28.22 -11.35 1.40
CA ARG B 9 -29.13 -10.28 0.96
CA ARG B 9 -29.07 -10.20 1.07
C ARG B 9 -28.45 -8.91 1.01
C ARG B 9 -28.34 -8.95 1.61
N ASP B 10 -27.81 -8.56 2.15
N ASP B 10 -27.64 -9.12 2.73
CA ASP B 10 -26.99 -7.35 2.20
CA ASP B 10 -26.86 -8.06 3.35
C ASP B 10 -25.50 -7.65 2.18
C ASP B 10 -25.41 -8.20 2.87
N LEU B 11 -25.11 -8.10 1.00
N LEU B 11 -25.23 -7.87 1.59
CA LEU B 11 -23.74 -8.05 0.55
CA LEU B 11 -23.95 -8.00 0.92
C LEU B 11 -23.25 -6.62 0.62
C LEU B 11 -23.31 -6.63 0.69
N VAL B 12 -24.14 -5.64 0.34
CA VAL B 12 -23.72 -4.23 0.29
C VAL B 12 -22.99 -3.82 1.56
N GLU B 13 -23.53 -4.24 2.70
CA GLU B 13 -22.91 -4.00 3.99
C GLU B 13 -21.60 -4.75 4.09
N ALA B 14 -21.59 -6.01 3.68
CA ALA B 14 -20.39 -6.85 3.80
C ALA B 14 -19.21 -6.20 3.11
N VAL B 15 -19.42 -5.65 1.91
CA VAL B 15 -18.33 -4.95 1.23
C VAL B 15 -18.11 -3.58 1.84
N ALA B 16 -19.14 -2.97 2.40
CA ALA B 16 -18.93 -1.72 3.12
C ALA B 16 -17.96 -2.05 4.24
N HIS B 17 -18.31 -3.01 5.07
CA HIS B 17 -17.44 -3.38 6.17
C HIS B 17 -16.06 -3.77 5.69
N ILE B 18 -15.95 -4.38 4.52
CA ILE B 18 -14.63 -4.76 4.03
C ILE B 18 -13.84 -3.49 3.80
N LEU B 19 -14.45 -2.51 3.14
CA LEU B 19 -13.86 -1.18 2.92
C LEU B 19 -13.64 -0.38 4.21
N GLY B 20 -14.00 -0.98 5.33
CA GLY B 20 -13.98 -0.28 6.56
C GLY B 20 -14.98 0.85 6.67
N ILE B 21 -16.05 0.81 5.89
CA ILE B 21 -17.11 1.80 6.04
C ILE B 21 -18.20 1.24 6.97
N ARG B 22 -18.65 2.02 7.94
CA ARG B 22 -19.74 1.58 8.83
C ARG B 22 -20.86 2.61 8.91
N ASP B 23 -22.07 2.13 9.16
CA ASP B 23 -23.31 2.85 8.78
C ASP B 23 -23.43 2.85 7.25
N LEU B 24 -22.66 3.69 6.55
CA LEU B 24 -22.78 3.77 5.08
C LEU B 24 -24.00 4.60 4.67
N ALA B 25 -24.80 5.02 5.66
CA ALA B 25 -25.85 5.99 5.43
C ALA B 25 -25.17 7.25 4.95
N ALA B 26 -23.94 7.46 5.40
CA ALA B 26 -23.17 8.64 5.04
C ALA B 26 -22.21 8.28 3.91
N VAL B 27 -22.74 7.66 2.86
CA VAL B 27 -21.91 7.28 1.71
C VAL B 27 -22.75 7.35 0.44
N ASN B 28 -22.30 8.11 -0.55
CA ASN B 28 -22.95 8.11 -1.84
C ASN B 28 -22.83 6.70 -2.41
N LEU B 29 -23.97 6.06 -2.63
CA LEU B 29 -23.98 4.69 -3.09
C LEU B 29 -23.38 4.64 -4.51
N ASP B 30 -23.41 5.79 -5.20
CA ASP B 30 -22.75 5.96 -6.50
C ASP B 30 -21.22 6.13 -6.49
N SER B 31 -20.60 6.12 -5.33
CA SER B 31 -19.15 6.17 -5.27
C SER B 31 -18.56 4.83 -5.67
N SER B 32 -17.45 4.87 -6.39
CA SER B 32 -16.77 3.67 -6.80
C SER B 32 -16.09 3.04 -5.58
N LEU B 33 -15.79 1.77 -5.66
CA LEU B 33 -15.07 1.12 -4.57
C LEU B 33 -13.65 1.68 -4.48
N ALA B 34 -13.08 2.03 -5.63
CA ALA B 34 -11.82 2.74 -5.66
C ALA B 34 -11.92 4.01 -4.83
N ASP B 35 -12.90 4.85 -5.17
CA ASP B 35 -13.07 6.12 -4.48
C ASP B 35 -13.29 5.93 -2.98
N LEU B 36 -13.95 4.84 -2.60
CA LEU B 36 -14.15 4.53 -1.20
C LEU B 36 -12.90 3.90 -0.56
N GLY B 37 -11.79 3.84 -1.30
CA GLY B 37 -10.53 3.45 -0.72
C GLY B 37 -10.14 1.99 -0.84
N LEU B 38 -10.64 1.28 -1.84
CA LEU B 38 -10.30 -0.14 -2.00
C LEU B 38 -8.77 -0.37 -2.08
N ASP B 39 -8.23 -0.84 -0.97
CA ASP B 39 -6.93 -1.55 -0.77
C ASP B 39 -6.73 -2.75 -1.74
N ALA B 40 -5.52 -3.31 -1.76
CA ALA B 40 -5.23 -4.63 -2.34
C ALA B 40 -5.91 -5.74 -1.55
N LEU B 41 -5.84 -5.67 -0.24
CA LEU B 41 -6.44 -6.69 0.59
C LEU B 41 -7.96 -6.69 0.41
N MET B 42 -8.55 -5.51 0.55
CA MET B 42 -9.96 -5.27 0.31
C MET B 42 -10.40 -5.82 -1.03
N SER B 43 -9.55 -5.65 -2.02
CA SER B 43 -9.84 -6.11 -3.35
C SER B 43 -10.02 -7.62 -3.37
N VAL B 44 -9.15 -8.30 -2.64
CA VAL B 44 -9.18 -9.75 -2.59
C VAL B 44 -10.43 -10.21 -1.90
N GLU B 45 -10.78 -9.51 -0.82
CA GLU B 45 -11.93 -9.85 -0.02
C GLU B 45 -13.20 -9.63 -0.78
N VAL B 46 -13.35 -8.43 -1.35
CA VAL B 46 -14.55 -8.14 -2.10
C VAL B 46 -14.76 -9.16 -3.20
N ARG B 47 -13.69 -9.48 -3.92
CA ARG B 47 -13.76 -10.43 -5.02
C ARG B 47 -14.11 -11.83 -4.55
N GLN B 48 -13.61 -12.23 -3.38
CA GLN B 48 -13.91 -13.56 -2.85
C GLN B 48 -15.33 -13.61 -2.34
N THR B 49 -15.82 -12.45 -1.89
CA THR B 49 -17.18 -12.33 -1.40
C THR B 49 -18.14 -12.41 -2.57
N LEU B 50 -17.88 -11.68 -3.65
CA LEU B 50 -18.79 -11.73 -4.79
C LEU B 50 -18.77 -13.07 -5.51
N GLU B 51 -17.66 -13.81 -5.42
CA GLU B 51 -17.65 -15.22 -5.84
C GLU B 51 -18.60 -16.02 -4.98
N ARG B 52 -18.30 -16.16 -3.69
CA ARG B 52 -19.04 -17.09 -2.83
C ARG B 52 -20.50 -16.68 -2.62
N GLU B 53 -20.78 -15.38 -2.69
CA GLU B 53 -22.12 -14.85 -2.41
C GLU B 53 -22.94 -14.63 -3.66
N LEU B 54 -22.31 -14.38 -4.78
CA LEU B 54 -23.04 -13.97 -5.98
C LEU B 54 -22.64 -14.75 -7.23
N ASN B 55 -21.72 -15.70 -7.06
CA ASN B 55 -21.15 -16.45 -8.17
C ASN B 55 -20.69 -15.52 -9.29
N LEU B 56 -19.99 -14.46 -8.90
CA LEU B 56 -19.58 -13.43 -9.83
C LEU B 56 -18.09 -13.24 -9.69
N VAL B 57 -17.31 -13.69 -10.67
CA VAL B 57 -15.89 -13.40 -10.68
C VAL B 57 -15.69 -12.11 -11.47
N LEU B 58 -15.10 -11.12 -10.84
CA LEU B 58 -14.94 -9.79 -11.43
C LEU B 58 -13.48 -9.51 -11.66
N SER B 59 -13.18 -8.88 -12.80
CA SER B 59 -11.85 -8.29 -12.97
C SER B 59 -11.52 -7.31 -11.84
N VAL B 60 -10.24 -7.06 -11.66
CA VAL B 60 -9.81 -6.04 -10.72
C VAL B 60 -10.40 -4.71 -11.15
N ARG B 61 -10.36 -4.43 -12.45
CA ARG B 61 -10.91 -3.19 -12.97
C ARG B 61 -12.40 -3.11 -12.64
N GLU B 62 -13.12 -4.23 -12.83
CA GLU B 62 -14.55 -4.35 -12.52
C GLU B 62 -14.87 -4.00 -11.08
N VAL B 63 -14.15 -4.65 -10.17
CA VAL B 63 -14.32 -4.47 -8.72
C VAL B 63 -13.98 -3.07 -8.28
N ARG B 64 -12.89 -2.53 -8.82
CA ARG B 64 -12.52 -1.17 -8.54
C ARG B 64 -13.63 -0.22 -8.89
N GLN B 65 -14.27 -0.42 -10.04
CA GLN B 65 -15.33 0.48 -10.51
C GLN B 65 -16.73 0.14 -9.97
N LEU B 66 -16.83 -0.85 -9.08
CA LEU B 66 -18.11 -1.24 -8.45
C LEU B 66 -18.67 -0.20 -7.51
N THR B 67 -19.84 0.31 -7.85
CA THR B 67 -20.63 1.15 -6.97
C THR B 67 -21.40 0.28 -5.97
N LEU B 68 -21.78 0.86 -4.83
CA LEU B 68 -22.60 0.12 -3.84
C LEU B 68 -24.02 -0.07 -4.35
N ARG B 69 -24.54 0.93 -5.08
CA ARG B 69 -25.82 0.79 -5.79
C ARG B 69 -25.74 -0.35 -6.80
N LYS B 70 -24.64 -0.40 -7.56
CA LYS B 70 -24.40 -1.49 -8.50
C LYS B 70 -24.36 -2.85 -7.75
N LEU B 71 -23.99 -2.83 -6.48
CA LEU B 71 -24.19 -4.01 -5.63
C LEU B 71 -25.66 -4.24 -5.29
N GLN B 72 -26.36 -3.23 -4.77
CA GLN B 72 -27.80 -3.38 -4.46
C GLN B 72 -28.55 -3.97 -5.67
N GLU B 73 -28.15 -3.57 -6.87
CA GLU B 73 -28.67 -4.17 -8.08
C GLU B 73 -28.29 -5.67 -8.14
N LEU B 74 -27.03 -5.98 -7.95
CA LEU B 74 -26.57 -7.36 -8.14
C LEU B 74 -27.03 -8.38 -7.09
N SER B 75 -27.61 -7.94 -5.97
CA SER B 75 -28.16 -8.87 -4.98
C SER B 75 -29.67 -9.00 -5.14
N SER B 76 -30.37 -7.89 -5.41
CA SER B 76 -31.81 -7.94 -5.66
C SER B 76 -32.10 -9.02 -6.70
N LYS B 77 -31.44 -8.90 -7.85
CA LYS B 77 -31.55 -9.87 -8.95
C LYS B 77 -31.17 -11.28 -8.46
N ALA B 78 -32.19 -12.14 -8.29
CA ALA B 78 -31.99 -13.47 -7.70
C ALA B 78 -33.29 -14.27 -7.75
N1A COA C . 3.63 -1.79 -8.36
C2A COA C . 4.30 -1.17 -7.32
N3A COA C . 3.77 -0.04 -6.74
C4A COA C . 2.61 0.41 -7.21
C5A COA C . 1.93 -0.16 -8.26
C6A COA C . 2.45 -1.28 -8.85
N6A COA C . 1.93 -1.75 -9.98
N7A COA C . 0.81 0.55 -8.50
C8A COA C . 0.76 1.57 -7.61
N9A COA C . 1.87 1.48 -6.81
C1B COA C . 2.30 2.29 -5.68
C2B COA C . 1.69 3.68 -5.76
O2B COA C . 2.60 4.66 -5.31
C3B COA C . 0.51 3.46 -4.87
O3B COA C . 0.21 4.61 -4.21
P3B COA C . -1.06 5.38 -4.67
O7A COA C . -2.11 4.34 -4.99
O8A COA C . -1.44 6.24 -3.48
O9A COA C . -0.78 6.29 -5.81
C4B COA C . 1.03 2.51 -3.82
O4B COA C . 1.87 1.63 -4.52
C5B COA C . -0.11 1.83 -3.07
O5B COA C . 0.47 0.71 -2.44
P1A COA C . -0.09 0.22 -1.01
O1A COA C . -0.51 1.36 -0.12
O2A COA C . 0.97 -0.70 -0.40
O3A COA C . -1.48 -0.40 -1.61
P2A COA C . -1.74 -1.98 -1.83
O4A COA C . -0.69 -2.93 -1.26
O5A COA C . -3.06 -2.28 -1.19
O6A COA C . -1.88 -1.98 -3.45
CBP COA C . -1.17 -1.67 -5.71
CCP COA C . -0.87 -2.35 -4.36
CDP COA C . -1.38 -0.15 -5.59
CEP COA C . -0.09 -2.12 -6.69
CAP COA C . -2.48 -2.16 -6.27
OAP COA C . -2.76 -1.43 -7.45
C9P COA C . -2.29 -3.64 -6.47
MG MG D . 3.00 14.12 -7.92
NI NI E . -18.70 -7.63 10.47
P PO4 F . -16.28 -22.30 1.65
O1 PO4 F . -15.18 -21.56 0.90
O2 PO4 F . -16.03 -22.31 3.14
O3 PO4 F . -17.59 -21.58 1.40
O4 PO4 F . -16.35 -23.74 1.15
MG MG G . 15.34 14.04 5.80
#